data_4M5L
#
_entry.id   4M5L
#
_cell.length_a   35.903
_cell.length_b   57.991
_cell.length_c   38.643
_cell.angle_alpha   90.00
_cell.angle_beta   115.49
_cell.angle_gamma   90.00
#
_symmetry.space_group_name_H-M   'P 1 21 1'
#
loop_
_entity.id
_entity.type
_entity.pdbx_description
1 polymer '2-amino-4-hydroxy-6-hydroxymethyldihydropteridine pyrophosphokinase'
2 non-polymer 'DIPHOSPHOMETHYLPHOSPHONIC ACID ADENOSYL ESTER'
3 non-polymer 'CALCIUM ION'
4 non-polymer GLYCEROL
5 non-polymer 2-amino-8-{[2-(2-methylphenyl)-2-oxoethyl]sulfanyl}-1,7-dihydro-6H-purin-6-one
6 water water
#
_entity_poly.entity_id   1
_entity_poly.type   'polypeptide(L)'
_entity_poly.pdbx_seq_one_letter_code
;GSHMTVAYIAIGSNLASPLEQVNAALKALGDIPESHILTVSSFYRTPPLGPQDQPDYLNAAVALETSLAPEELLNHTQRI
ELQQGRVRKAERWGPRTLDLDIMLFGNEVINTERLTVPHYDMKNRGFMLWPLFEIAPELVFPDGEMLRQILHTRAFDKLN
KW
;
_entity_poly.pdbx_strand_id   A
#
# COMPACT_ATOMS: atom_id res chain seq x y z
N MET A 4 18.94 -5.90 -6.41
CA MET A 4 17.51 -5.57 -6.43
C MET A 4 16.81 -6.09 -5.19
N THR A 5 15.73 -5.42 -4.82
CA THR A 5 14.89 -5.81 -3.69
C THR A 5 13.46 -5.68 -4.17
N VAL A 6 12.54 -6.48 -3.63
CA VAL A 6 11.13 -6.26 -3.93
C VAL A 6 10.49 -5.48 -2.78
N ALA A 7 9.96 -4.30 -3.12
CA ALA A 7 9.17 -3.50 -2.21
C ALA A 7 7.70 -3.77 -2.46
N TYR A 8 6.89 -3.73 -1.40
CA TYR A 8 5.46 -3.93 -1.52
C TYR A 8 4.79 -2.66 -1.05
N ILE A 9 3.97 -2.08 -1.92
CA ILE A 9 3.34 -0.80 -1.66
C ILE A 9 1.83 -0.95 -1.61
N ALA A 10 1.21 -0.40 -0.57
CA ALA A 10 -0.24 -0.34 -0.44
C ALA A 10 -0.74 0.93 -1.08
N ILE A 11 -1.80 0.80 -1.87
CA ILE A 11 -2.42 1.94 -2.56
C ILE A 11 -3.83 2.12 -2.00
N GLY A 12 -4.16 3.35 -1.62
CA GLY A 12 -5.51 3.69 -1.21
C GLY A 12 -5.94 5.00 -1.86
N SER A 13 -7.22 5.11 -2.21
CA SER A 13 -7.79 6.36 -2.71
C SER A 13 -9.27 6.37 -2.38
N ASN A 14 -9.78 7.50 -1.89
CA ASN A 14 -11.24 7.63 -1.72
C ASN A 14 -11.81 8.98 -2.16
N LEU A 15 -11.03 9.75 -2.91
CA LEU A 15 -11.50 11.03 -3.45
C LEU A 15 -11.16 11.17 -4.92
N ALA A 16 -11.97 11.98 -5.61
CA ALA A 16 -11.70 12.41 -6.98
C ALA A 16 -11.51 11.25 -7.96
N SER A 17 -12.50 10.35 -7.95
CA SER A 17 -12.52 9.18 -8.83
CA SER A 17 -12.53 9.16 -8.82
C SER A 17 -11.38 8.21 -8.53
N PRO A 18 -11.51 7.42 -7.45
CA PRO A 18 -10.45 6.49 -7.04
C PRO A 18 -9.92 5.58 -8.15
N LEU A 19 -10.77 5.08 -9.05
CA LEU A 19 -10.25 4.23 -10.13
C LEU A 19 -9.26 4.99 -11.02
N GLU A 20 -9.60 6.23 -11.35
CA GLU A 20 -8.70 7.08 -12.13
C GLU A 20 -7.41 7.37 -11.38
N GLN A 21 -7.53 7.66 -10.08
CA GLN A 21 -6.35 7.94 -9.26
C GLN A 21 -5.40 6.76 -9.21
N VAL A 22 -5.96 5.56 -9.00
CA VAL A 22 -5.14 4.37 -8.87
C VAL A 22 -4.49 3.96 -10.20
N ASN A 23 -5.25 4.03 -11.29
CA ASN A 23 -4.65 3.78 -12.60
C ASN A 23 -3.50 4.74 -12.90
N ALA A 24 -3.70 6.01 -12.59
CA ALA A 24 -2.65 7.00 -12.81
C ALA A 24 -1.44 6.71 -11.93
N ALA A 25 -1.71 6.28 -10.70
CA ALA A 25 -0.62 5.97 -9.78
C ALA A 25 0.20 4.80 -10.26
N LEU A 26 -0.46 3.80 -10.87
CA LEU A 26 0.26 2.65 -11.39
C LEU A 26 1.19 3.05 -12.54
N LYS A 27 0.74 3.95 -13.40
CA LYS A 27 1.60 4.48 -14.45
CA LYS A 27 1.61 4.46 -14.46
C LYS A 27 2.80 5.19 -13.84
N ALA A 28 2.54 6.03 -12.84
CA ALA A 28 3.60 6.79 -12.21
C ALA A 28 4.59 5.87 -11.47
N LEU A 29 4.10 4.84 -10.80
CA LEU A 29 4.97 3.89 -10.12
C LEU A 29 5.92 3.22 -11.10
N GLY A 30 5.42 2.84 -12.27
CA GLY A 30 6.27 2.27 -13.29
C GLY A 30 7.37 3.22 -13.73
N ASP A 31 7.08 4.52 -13.71
CA ASP A 31 8.03 5.54 -14.13
C ASP A 31 9.07 5.90 -13.08
N ILE A 32 8.99 5.31 -11.89
CA ILE A 32 10.04 5.49 -10.90
C ILE A 32 11.32 4.86 -11.44
N PRO A 33 12.45 5.57 -11.33
CA PRO A 33 13.73 5.05 -11.84
C PRO A 33 14.26 3.87 -11.01
N GLU A 34 15.09 3.06 -11.64
CA GLU A 34 15.70 1.89 -11.01
C GLU A 34 14.66 0.91 -10.46
N SER A 35 13.48 0.90 -11.07
CA SER A 35 12.34 0.20 -10.48
C SER A 35 11.38 -0.31 -11.55
N HIS A 36 10.80 -1.49 -11.33
CA HIS A 36 9.84 -2.10 -12.26
C HIS A 36 8.71 -2.72 -11.46
N ILE A 37 7.47 -2.55 -11.91
CA ILE A 37 6.35 -3.25 -11.31
C ILE A 37 6.37 -4.73 -11.70
N LEU A 38 6.31 -5.61 -10.71
CA LEU A 38 6.20 -7.05 -10.97
C LEU A 38 4.77 -7.55 -10.98
N THR A 39 3.92 -6.99 -10.13
CA THR A 39 2.59 -7.54 -9.93
C THR A 39 1.67 -6.48 -9.39
N VAL A 40 0.43 -6.48 -9.90
CA VAL A 40 -0.62 -5.60 -9.38
C VAL A 40 -1.77 -6.48 -8.89
N SER A 41 -2.28 -6.19 -7.68
CA SER A 41 -3.42 -6.92 -7.15
C SER A 41 -4.71 -6.54 -7.85
N SER A 42 -5.79 -7.23 -7.50
CA SER A 42 -7.12 -6.74 -7.80
C SER A 42 -7.37 -5.43 -7.05
N PHE A 43 -8.39 -4.70 -7.51
CA PHE A 43 -8.84 -3.51 -6.82
C PHE A 43 -10.00 -3.90 -5.91
N TYR A 44 -9.99 -3.41 -4.66
CA TYR A 44 -11.00 -3.75 -3.66
C TYR A 44 -11.71 -2.50 -3.19
N ARG A 45 -13.02 -2.61 -2.94
CA ARG A 45 -13.81 -1.51 -2.44
C ARG A 45 -14.04 -1.77 -0.95
N THR A 46 -13.43 -0.94 -0.11
CA THR A 46 -13.38 -1.25 1.31
C THR A 46 -14.00 -0.14 2.17
N PRO A 47 -14.73 -0.52 3.22
CA PRO A 47 -15.29 0.50 4.11
C PRO A 47 -14.18 1.19 4.89
N PRO A 48 -14.31 2.49 5.14
CA PRO A 48 -13.24 3.21 5.82
C PRO A 48 -13.06 2.80 7.28
N LEU A 49 -11.82 2.57 7.68
CA LEU A 49 -11.48 2.28 9.06
C LEU A 49 -10.81 3.50 9.67
N GLY A 50 -11.04 3.73 10.96
CA GLY A 50 -10.71 5.00 11.57
C GLY A 50 -11.97 5.85 11.53
N PRO A 51 -11.86 7.12 11.10
CA PRO A 51 -13.09 7.89 10.90
C PRO A 51 -13.89 7.31 9.73
N GLN A 52 -15.20 7.24 9.91
CA GLN A 52 -16.05 6.56 8.96
C GLN A 52 -16.90 7.50 8.11
N ASP A 53 -16.83 8.80 8.40
CA ASP A 53 -17.60 9.80 7.67
C ASP A 53 -16.83 10.24 6.43
N GLN A 54 -16.55 9.27 5.56
CA GLN A 54 -15.83 9.52 4.31
C GLN A 54 -16.21 8.42 3.33
N PRO A 55 -15.92 8.62 2.03
CA PRO A 55 -16.29 7.58 1.06
C PRO A 55 -15.46 6.30 1.23
N ASP A 56 -16.00 5.20 0.70
CA ASP A 56 -15.26 3.95 0.65
C ASP A 56 -13.97 4.10 -0.13
N TYR A 57 -12.97 3.30 0.26
CA TYR A 57 -11.68 3.29 -0.42
C TYR A 57 -11.61 2.30 -1.57
N LEU A 58 -10.80 2.63 -2.57
CA LEU A 58 -10.23 1.62 -3.45
C LEU A 58 -8.87 1.28 -2.84
N ASN A 59 -8.68 0.00 -2.51
CA ASN A 59 -7.39 -0.48 -2.02
C ASN A 59 -6.79 -1.51 -2.97
N ALA A 60 -5.46 -1.47 -3.10
CA ALA A 60 -4.71 -2.43 -3.89
C ALA A 60 -3.31 -2.55 -3.32
N ALA A 61 -2.55 -3.50 -3.85
CA ALA A 61 -1.15 -3.67 -3.51
C ALA A 61 -0.34 -3.88 -4.79
N VAL A 62 0.89 -3.42 -4.77
CA VAL A 62 1.81 -3.64 -5.88
CA VAL A 62 1.82 -3.58 -5.88
C VAL A 62 3.16 -4.13 -5.39
N ALA A 63 3.74 -5.04 -6.17
CA ALA A 63 5.11 -5.49 -5.96
C ALA A 63 6.00 -4.71 -6.92
N LEU A 64 6.97 -3.99 -6.37
CA LEU A 64 7.87 -3.15 -7.15
C LEU A 64 9.32 -3.60 -6.91
N GLU A 65 9.96 -4.14 -7.94
CA GLU A 65 11.38 -4.48 -7.85
C GLU A 65 12.19 -3.20 -7.98
N THR A 66 13.15 -2.99 -7.10
CA THR A 66 13.89 -1.73 -7.13
C THR A 66 15.33 -1.86 -6.67
N SER A 67 16.19 -0.99 -7.20
CA SER A 67 17.54 -0.85 -6.66
C SER A 67 17.73 0.51 -5.99
N LEU A 68 16.62 1.24 -5.78
CA LEU A 68 16.68 2.47 -5.03
C LEU A 68 16.91 2.20 -3.55
N ALA A 69 17.52 3.16 -2.86
CA ALA A 69 17.52 3.19 -1.40
C ALA A 69 16.08 3.35 -0.92
N PRO A 70 15.75 2.78 0.26
CA PRO A 70 14.38 2.88 0.76
C PRO A 70 13.85 4.32 0.85
N GLU A 71 14.66 5.27 1.33
CA GLU A 71 14.18 6.65 1.40
C GLU A 71 14.06 7.30 0.03
N GLU A 72 14.85 6.84 -0.94
CA GLU A 72 14.71 7.34 -2.29
C GLU A 72 13.39 6.86 -2.90
N LEU A 73 12.98 5.64 -2.57
CA LEU A 73 11.68 5.18 -3.01
C LEU A 73 10.57 6.04 -2.38
N LEU A 74 10.71 6.34 -1.08
CA LEU A 74 9.75 7.21 -0.41
C LEU A 74 9.68 8.58 -1.08
N ASN A 75 10.82 9.11 -1.50
CA ASN A 75 10.83 10.40 -2.20
C ASN A 75 9.88 10.35 -3.38
N HIS A 76 9.95 9.27 -4.14
CA HIS A 76 9.11 9.13 -5.32
C HIS A 76 7.64 8.91 -5.00
N THR A 77 7.35 8.08 -4.00
CA THR A 77 5.94 7.85 -3.66
C THR A 77 5.29 9.13 -3.13
N GLN A 78 6.01 9.90 -2.33
CA GLN A 78 5.49 11.18 -1.86
C GLN A 78 5.28 12.15 -3.02
N ARG A 79 6.23 12.21 -3.95
CA ARG A 79 6.08 13.05 -5.13
C ARG A 79 4.80 12.70 -5.90
N ILE A 80 4.56 11.42 -6.11
CA ILE A 80 3.40 10.98 -6.88
C ILE A 80 2.10 11.39 -6.17
N GLU A 81 2.03 11.18 -4.86
CA GLU A 81 0.88 11.61 -4.08
C GLU A 81 0.61 13.11 -4.26
N LEU A 82 1.66 13.91 -4.13
CA LEU A 82 1.50 15.36 -4.24
C LEU A 82 1.10 15.78 -5.65
N GLN A 83 1.67 15.12 -6.66
CA GLN A 83 1.35 15.41 -8.04
C GLN A 83 -0.06 14.98 -8.42
N GLN A 84 -0.66 14.09 -7.62
CA GLN A 84 -2.06 13.67 -7.82
C GLN A 84 -3.00 14.41 -6.87
N GLY A 85 -2.54 15.56 -6.41
CA GLY A 85 -3.42 16.52 -5.77
C GLY A 85 -3.69 16.24 -4.32
N ARG A 86 -2.87 15.40 -3.70
CA ARG A 86 -3.02 15.16 -2.28
C ARG A 86 -2.75 16.43 -1.47
N VAL A 87 -3.72 16.78 -0.63
CA VAL A 87 -3.68 17.97 0.20
C VAL A 87 -3.77 17.55 1.66
N ARG A 88 -2.97 18.17 2.51
CA ARG A 88 -2.97 17.86 3.94
C ARG A 88 -4.04 18.65 4.67
N LYS A 89 -5.01 17.94 5.25
CA LYS A 89 -6.03 18.53 6.10
C LYS A 89 -5.70 18.25 7.56
N ALA A 90 -6.33 18.97 8.46
CA ALA A 90 -6.07 18.83 9.89
C ALA A 90 -6.56 17.51 10.46
N GLU A 91 -7.68 16.99 9.95
CA GLU A 91 -8.26 15.76 10.50
C GLU A 91 -7.35 14.54 10.33
N ARG A 92 -7.13 13.84 11.42
CA ARG A 92 -6.39 12.60 11.39
C ARG A 92 -7.09 11.55 10.53
N TRP A 93 -6.34 10.88 9.65
CA TRP A 93 -6.87 9.78 8.85
C TRP A 93 -8.06 10.18 7.99
N GLY A 94 -8.04 11.41 7.51
CA GLY A 94 -9.09 11.90 6.64
C GLY A 94 -8.95 11.39 5.21
N PRO A 95 -9.94 11.70 4.37
CA PRO A 95 -9.95 11.20 3.00
C PRO A 95 -8.82 11.79 2.17
N ARG A 96 -8.45 11.10 1.10
CA ARG A 96 -7.36 11.57 0.26
C ARG A 96 -7.43 11.01 -1.15
N THR A 97 -6.90 11.78 -2.09
CA THR A 97 -6.86 11.36 -3.49
C THR A 97 -5.97 10.14 -3.69
N LEU A 98 -4.87 10.06 -2.94
CA LEU A 98 -3.94 8.94 -3.10
C LEU A 98 -3.07 8.79 -1.86
N ASP A 99 -2.94 7.55 -1.40
CA ASP A 99 -2.07 7.18 -0.29
C ASP A 99 -1.21 6.02 -0.77
N LEU A 100 0.11 6.21 -0.72
CA LEU A 100 1.08 5.18 -1.10
C LEU A 100 1.92 4.86 0.13
N ASP A 101 1.60 3.77 0.81
CA ASP A 101 2.34 3.36 2.00
C ASP A 101 3.32 2.25 1.62
N ILE A 102 4.57 2.40 2.02
CA ILE A 102 5.54 1.34 1.80
C ILE A 102 5.34 0.29 2.90
N MET A 103 4.80 -0.87 2.53
CA MET A 103 4.55 -1.91 3.51
C MET A 103 5.82 -2.64 3.92
N LEU A 104 6.58 -3.06 2.92
CA LEU A 104 7.77 -3.88 3.10
C LEU A 104 8.80 -3.48 2.08
N PHE A 105 10.07 -3.58 2.47
CA PHE A 105 11.18 -3.35 1.56
C PHE A 105 12.11 -4.56 1.71
N GLY A 106 11.85 -5.59 0.92
CA GLY A 106 12.50 -6.88 1.10
C GLY A 106 12.32 -7.35 2.53
N ASN A 107 13.41 -7.87 3.09
CA ASN A 107 13.44 -8.31 4.48
C ASN A 107 13.94 -7.23 5.43
N GLU A 108 14.06 -5.99 4.95
CA GLU A 108 14.69 -4.93 5.74
C GLU A 108 13.79 -4.36 6.83
N VAL A 109 14.43 -3.96 7.93
CA VAL A 109 13.79 -3.22 8.99
C VAL A 109 14.39 -1.82 8.97
N ILE A 110 13.56 -0.84 8.72
CA ILE A 110 14.01 0.53 8.53
C ILE A 110 13.33 1.44 9.55
N ASN A 111 14.14 2.25 10.22
CA ASN A 111 13.64 3.18 11.22
C ASN A 111 14.39 4.49 11.09
N THR A 112 13.99 5.33 10.14
CA THR A 112 14.59 6.65 9.99
C THR A 112 13.55 7.69 10.38
N GLU A 113 13.93 8.97 10.31
CA GLU A 113 13.00 10.02 10.66
C GLU A 113 11.77 10.03 9.75
N ARG A 114 11.97 9.71 8.47
CA ARG A 114 10.89 9.78 7.49
C ARG A 114 10.22 8.45 7.18
N LEU A 115 10.87 7.35 7.53
CA LEU A 115 10.44 6.05 7.02
C LEU A 115 10.53 4.95 8.08
N THR A 116 9.41 4.27 8.30
CA THR A 116 9.37 3.12 9.21
C THR A 116 8.80 1.92 8.45
N VAL A 117 9.62 0.89 8.29
CA VAL A 117 9.26 -0.31 7.54
C VAL A 117 9.70 -1.53 8.36
N PRO A 118 8.85 -2.57 8.48
CA PRO A 118 7.48 -2.72 7.95
C PRO A 118 6.53 -1.64 8.43
N HIS A 119 5.52 -1.33 7.62
CA HIS A 119 4.50 -0.39 8.06
C HIS A 119 4.00 -0.81 9.43
N TYR A 120 3.92 0.17 10.34
CA TYR A 120 3.71 -0.11 11.76
C TYR A 120 2.44 -0.88 12.10
N ASP A 121 1.41 -0.79 11.25
CA ASP A 121 0.11 -1.38 11.59
C ASP A 121 -0.40 -2.36 10.55
N MET A 122 0.41 -2.70 9.56
CA MET A 122 -0.09 -3.50 8.45
C MET A 122 -0.62 -4.88 8.86
N LYS A 123 -0.03 -5.46 9.91
CA LYS A 123 -0.46 -6.80 10.33
C LYS A 123 -1.85 -6.79 10.97
N ASN A 124 -2.42 -5.60 11.17
CA ASN A 124 -3.76 -5.46 11.73
C ASN A 124 -4.78 -4.92 10.73
N ARG A 125 -4.41 -4.86 9.44
CA ARG A 125 -5.26 -4.23 8.43
C ARG A 125 -5.55 -5.16 7.26
N GLY A 126 -6.77 -5.68 7.22
CA GLY A 126 -7.18 -6.57 6.14
C GLY A 126 -7.05 -5.94 4.76
N PHE A 127 -7.31 -4.64 4.67
CA PHE A 127 -7.23 -3.94 3.39
C PHE A 127 -5.81 -3.83 2.84
N MET A 128 -4.82 -4.08 3.71
CA MET A 128 -3.42 -4.22 3.28
C MET A 128 -3.05 -5.69 3.04
N LEU A 129 -3.41 -6.55 3.98
CA LEU A 129 -2.96 -7.94 3.94
C LEU A 129 -3.59 -8.78 2.84
N TRP A 130 -4.89 -8.62 2.59
CA TRP A 130 -5.53 -9.42 1.55
C TRP A 130 -4.99 -9.13 0.14
N PRO A 131 -4.88 -7.84 -0.27
CA PRO A 131 -4.30 -7.60 -1.59
C PRO A 131 -2.83 -8.07 -1.65
N LEU A 132 -2.11 -7.95 -0.54
CA LEU A 132 -0.74 -8.43 -0.49
C LEU A 132 -0.67 -9.95 -0.69
N PHE A 133 -1.57 -10.69 -0.04
CA PHE A 133 -1.63 -12.13 -0.20
C PHE A 133 -1.96 -12.56 -1.63
N GLU A 134 -2.79 -11.77 -2.31
CA GLU A 134 -3.15 -12.06 -3.69
C GLU A 134 -1.91 -12.06 -4.58
N ILE A 135 -0.98 -11.15 -4.32
CA ILE A 135 0.20 -11.01 -5.17
C ILE A 135 1.44 -11.71 -4.65
N ALA A 136 1.44 -12.07 -3.36
CA ALA A 136 2.61 -12.68 -2.72
C ALA A 136 2.19 -13.66 -1.64
N PRO A 137 1.54 -14.77 -2.05
CA PRO A 137 1.00 -15.68 -1.04
C PRO A 137 2.07 -16.35 -0.17
N GLU A 138 3.31 -16.40 -0.66
CA GLU A 138 4.40 -17.03 0.08
C GLU A 138 5.17 -16.08 1.00
N LEU A 139 4.69 -14.86 1.14
CA LEU A 139 5.44 -13.83 1.84
C LEU A 139 5.73 -14.19 3.30
N VAL A 140 6.97 -13.90 3.69
CA VAL A 140 7.43 -13.99 5.07
C VAL A 140 7.93 -12.61 5.49
N PHE A 141 7.51 -12.17 6.67
CA PHE A 141 7.90 -10.88 7.23
C PHE A 141 9.33 -10.94 7.79
N PRO A 142 9.94 -9.77 8.06
CA PRO A 142 11.30 -9.77 8.61
C PRO A 142 11.43 -10.53 9.93
N ASP A 143 10.36 -10.59 10.72
CA ASP A 143 10.40 -11.31 11.99
C ASP A 143 10.05 -12.79 11.86
N GLY A 144 9.97 -13.28 10.62
CA GLY A 144 9.69 -14.68 10.39
C GLY A 144 8.22 -15.05 10.30
N GLU A 145 7.33 -14.13 10.64
CA GLU A 145 5.91 -14.47 10.58
C GLU A 145 5.46 -14.65 9.14
N MET A 146 4.62 -15.64 8.90
CA MET A 146 4.12 -15.90 7.55
C MET A 146 2.80 -15.19 7.30
N LEU A 147 2.71 -14.51 6.15
CA LEU A 147 1.46 -13.85 5.79
C LEU A 147 0.27 -14.83 5.79
N ARG A 148 0.48 -16.03 5.26
CA ARG A 148 -0.59 -17.03 5.19
C ARG A 148 -1.08 -17.39 6.59
N GLN A 149 -0.18 -17.43 7.56
CA GLN A 149 -0.54 -17.83 8.91
C GLN A 149 -1.35 -16.72 9.60
N ILE A 150 -0.97 -15.46 9.38
CA ILE A 150 -1.74 -14.34 9.91
C ILE A 150 -3.17 -14.38 9.39
N LEU A 151 -3.32 -14.56 8.08
CA LEU A 151 -4.65 -14.57 7.47
C LEU A 151 -5.46 -15.82 7.81
N HIS A 152 -4.78 -16.91 8.16
CA HIS A 152 -5.48 -18.12 8.57
C HIS A 152 -6.04 -17.99 9.98
N THR A 153 -5.28 -17.29 10.84
CA THR A 153 -5.55 -17.22 12.28
CA THR A 153 -5.58 -17.23 12.28
C THR A 153 -6.41 -16.03 12.70
N ARG A 154 -6.14 -14.87 12.13
CA ARG A 154 -6.77 -13.66 12.62
CA ARG A 154 -6.74 -13.61 12.57
C ARG A 154 -8.09 -13.35 11.91
N ALA A 155 -9.05 -12.85 12.68
CA ALA A 155 -10.34 -12.49 12.13
C ALA A 155 -10.22 -11.16 11.37
N PHE A 156 -10.40 -11.24 10.05
CA PHE A 156 -10.50 -10.06 9.20
C PHE A 156 -11.75 -10.23 8.36
N ASP A 157 -12.44 -9.14 8.08
CA ASP A 157 -13.57 -9.20 7.15
C ASP A 157 -13.05 -9.55 5.76
N LYS A 158 -13.84 -10.30 4.98
CA LYS A 158 -13.48 -10.56 3.60
C LYS A 158 -13.56 -9.25 2.82
N LEU A 159 -12.69 -9.08 1.83
CA LEU A 159 -12.74 -7.89 0.99
C LEU A 159 -13.59 -8.17 -0.23
N ASN A 160 -14.30 -7.15 -0.67
CA ASN A 160 -15.04 -7.21 -1.92
C ASN A 160 -14.28 -6.49 -3.00
N LYS A 161 -14.26 -7.07 -4.20
CA LYS A 161 -13.58 -6.42 -5.30
C LYS A 161 -14.36 -5.20 -5.77
N TRP A 162 -13.63 -4.22 -6.30
CA TRP A 162 -14.19 -2.96 -6.78
C TRP A 162 -15.17 -3.20 -7.92
#